data_3HU6
#
_entry.id   3HU6
#
_cell.length_a   63.740
_cell.length_b   107.740
_cell.length_c   130.790
_cell.angle_alpha   90.00
_cell.angle_beta   90.00
_cell.angle_gamma   90.00
#
_symmetry.space_group_name_H-M   'P 21 21 21'
#
loop_
_entity.id
_entity.type
_entity.pdbx_description
1 polymer 'Speckle-type POZ protein'
2 polymer Puckered
3 water water
#
loop_
_entity_poly.entity_id
_entity_poly.type
_entity_poly.pdbx_seq_one_letter_code
_entity_poly.pdbx_strand_id
1 'polypeptide(L)'
;GSKVVKFSYMWTINNFSFCREEMGEVIKSSTFSSGANDKLKWCLRVNPKGLDEESKDYLSLYLLLVSCPKSEVRAKFKFS
ILNAKGEETKAMESQRAYRFVQGKDWGFKKFIRRGFLLDEANGLLPDDKLTLFCEVSVVQDSVNISGQNTMNMVKVPECR
LADELGGLWENSRFTDCCLCVAGQEFQAHKAILAARSPVFSAMFEHEMEESKKNRVEINDVEPEVFKEMMCFIYTGKAPN
LDKMADDLLAAADKYALERLKVMCEDALCSNLSVENAAEILILADLHSADQLKTQAVDFINYHATDVLETSG
;
A,B
2 'polypeptide(L)' DEVTSTT C,D
#
# COMPACT_ATOMS: atom_id res chain seq x y z
N SER A 2 -8.07 -2.36 11.69
CA SER A 2 -9.53 -2.69 11.74
C SER A 2 -10.20 -2.91 10.37
N LYS A 3 -10.87 -4.06 10.20
CA LYS A 3 -11.56 -4.43 8.96
C LYS A 3 -12.97 -4.95 9.29
N VAL A 4 -13.98 -4.41 8.63
CA VAL A 4 -15.35 -4.85 8.89
C VAL A 4 -16.04 -5.24 7.58
N VAL A 5 -16.41 -6.51 7.47
CA VAL A 5 -17.07 -6.99 6.28
C VAL A 5 -18.55 -7.07 6.53
N LYS A 6 -19.32 -6.24 5.85
CA LYS A 6 -20.77 -6.24 6.04
C LYS A 6 -21.48 -6.94 4.89
N PHE A 7 -22.30 -7.93 5.23
CA PHE A 7 -23.08 -8.67 4.25
C PHE A 7 -24.44 -8.94 4.85
N SER A 8 -25.37 -9.45 4.05
CA SER A 8 -26.71 -9.73 4.56
C SER A 8 -27.42 -10.87 3.83
N TYR A 9 -28.52 -11.34 4.41
CA TYR A 9 -29.29 -12.44 3.85
C TYR A 9 -30.79 -12.22 4.06
N MET A 10 -31.55 -12.45 3.00
CA MET A 10 -33.00 -12.33 3.02
C MET A 10 -33.59 -13.73 3.04
N TRP A 11 -34.47 -13.97 4.01
CA TRP A 11 -35.09 -15.29 4.14
C TRP A 11 -36.60 -15.17 4.13
N THR A 12 -37.22 -15.97 3.28
CA THR A 12 -38.67 -15.95 3.20
C THR A 12 -39.21 -17.34 3.46
N ILE A 13 -40.11 -17.40 4.43
CA ILE A 13 -40.76 -18.63 4.84
C ILE A 13 -42.16 -18.50 4.28
N ASN A 14 -42.54 -19.45 3.43
CA ASN A 14 -43.85 -19.42 2.82
C ASN A 14 -44.90 -19.97 3.77
N ASN A 15 -46.12 -19.45 3.64
CA ASN A 15 -47.25 -19.85 4.46
C ASN A 15 -46.76 -20.12 5.88
N PHE A 16 -46.35 -19.04 6.54
CA PHE A 16 -45.85 -19.12 7.90
C PHE A 16 -46.82 -19.74 8.87
N SER A 17 -48.00 -19.14 9.01
CA SER A 17 -49.01 -19.65 9.95
C SER A 17 -49.31 -21.14 9.72
N PHE A 18 -48.76 -21.72 8.66
CA PHE A 18 -49.00 -23.14 8.31
C PHE A 18 -47.89 -24.14 8.67
N CYS A 19 -46.92 -23.73 9.48
CA CYS A 19 -45.77 -24.60 9.83
C CYS A 19 -46.07 -25.56 10.99
N ARG A 20 -45.84 -26.85 10.77
CA ARG A 20 -46.08 -27.87 11.78
C ARG A 20 -44.96 -27.92 12.82
N GLU A 21 -44.58 -26.76 13.37
CA GLU A 21 -43.50 -26.70 14.35
C GLU A 21 -44.10 -26.39 15.72
N GLU A 22 -43.64 -27.09 16.75
CA GLU A 22 -44.14 -26.85 18.09
C GLU A 22 -43.03 -26.21 18.92
N MET A 23 -43.21 -26.15 20.23
CA MET A 23 -42.20 -25.54 21.07
C MET A 23 -40.90 -26.33 21.14
N GLY A 24 -39.86 -25.86 20.45
CA GLY A 24 -38.58 -26.54 20.48
C GLY A 24 -38.07 -27.03 19.14
N GLU A 25 -38.96 -27.14 18.15
CA GLU A 25 -38.57 -27.60 16.83
C GLU A 25 -37.84 -26.49 16.12
N VAL A 26 -36.81 -26.86 15.38
CA VAL A 26 -36.00 -25.89 14.66
C VAL A 26 -36.03 -26.06 13.14
N ILE A 27 -36.05 -24.93 12.44
CA ILE A 27 -36.06 -24.92 10.99
C ILE A 27 -34.96 -23.98 10.50
N LYS A 28 -33.86 -24.57 10.05
CA LYS A 28 -32.74 -23.80 9.55
C LYS A 28 -33.04 -23.26 8.14
N SER A 29 -32.17 -22.38 7.65
CA SER A 29 -32.32 -21.79 6.33
C SER A 29 -31.13 -22.21 5.48
N SER A 30 -31.07 -21.71 4.24
CA SER A 30 -29.95 -22.03 3.38
C SER A 30 -28.78 -21.34 4.02
N THR A 31 -27.58 -21.86 3.79
CA THR A 31 -26.40 -21.25 4.37
C THR A 31 -25.94 -20.17 3.39
N PHE A 32 -25.57 -19.00 3.92
CA PHE A 32 -25.10 -17.88 3.10
C PHE A 32 -23.68 -17.48 3.47
N SER A 33 -23.05 -16.67 2.62
CA SER A 33 -21.69 -16.23 2.89
C SER A 33 -21.45 -14.74 2.62
N SER A 34 -20.24 -14.29 2.91
CA SER A 34 -19.85 -12.92 2.70
C SER A 34 -19.77 -12.57 1.20
N LYS A 39 -14.51 -16.57 3.77
CA LYS A 39 -14.69 -17.94 3.29
C LYS A 39 -15.55 -18.83 4.21
N LEU A 40 -16.14 -18.28 5.28
CA LEU A 40 -16.98 -19.06 6.21
C LEU A 40 -18.49 -19.12 5.84
N LYS A 41 -19.16 -20.20 6.27
CA LYS A 41 -20.58 -20.40 6.00
C LYS A 41 -21.48 -20.12 7.21
N TRP A 42 -22.49 -19.29 7.00
CA TRP A 42 -23.44 -18.92 8.04
C TRP A 42 -24.79 -19.54 7.74
N CYS A 43 -25.80 -19.20 8.53
CA CYS A 43 -27.15 -19.70 8.33
C CYS A 43 -28.02 -19.25 9.49
N LEU A 44 -29.30 -19.05 9.23
CA LEU A 44 -30.21 -18.62 10.28
C LEU A 44 -30.98 -19.81 10.84
N ARG A 45 -31.50 -19.66 12.05
CA ARG A 45 -32.29 -20.68 12.73
C ARG A 45 -33.50 -19.95 13.30
N VAL A 46 -34.64 -20.62 13.31
CA VAL A 46 -35.82 -20.00 13.85
C VAL A 46 -36.72 -21.09 14.40
N ASN A 47 -37.27 -20.81 15.57
CA ASN A 47 -38.18 -21.71 16.25
C ASN A 47 -39.47 -20.92 16.32
N PRO A 48 -40.46 -21.31 15.50
CA PRO A 48 -41.76 -20.64 15.43
C PRO A 48 -42.52 -20.53 16.75
N LYS A 49 -42.44 -21.56 17.60
CA LYS A 49 -43.16 -21.49 18.87
C LYS A 49 -42.27 -21.16 20.06
N GLY A 50 -40.98 -20.95 19.81
CA GLY A 50 -40.06 -20.61 20.88
C GLY A 50 -39.14 -21.75 21.26
N LEU A 51 -38.59 -21.69 22.47
CA LEU A 51 -37.68 -22.71 23.00
C LEU A 51 -38.20 -23.23 24.32
N ASP A 52 -39.01 -22.43 25.01
CA ASP A 52 -39.54 -22.84 26.30
C ASP A 52 -40.77 -22.03 26.75
N SER A 55 -39.50 -18.77 25.26
CA SER A 55 -40.81 -19.23 25.71
C SER A 55 -41.81 -19.37 24.57
N LYS A 56 -42.84 -20.18 24.80
CA LYS A 56 -43.88 -20.47 23.82
C LYS A 56 -44.54 -19.28 23.11
N ASP A 57 -44.80 -18.20 23.85
CA ASP A 57 -45.46 -17.04 23.27
C ASP A 57 -44.56 -16.06 22.51
N TYR A 58 -43.49 -16.57 21.91
CA TYR A 58 -42.58 -15.74 21.15
C TYR A 58 -41.87 -16.55 20.06
N LEU A 59 -41.27 -15.82 19.13
CA LEU A 59 -40.53 -16.41 18.02
C LEU A 59 -39.05 -16.18 18.33
N SER A 60 -38.26 -17.26 18.32
CA SER A 60 -36.84 -17.15 18.62
C SER A 60 -35.99 -17.28 17.36
N LEU A 61 -35.12 -16.30 17.14
CA LEU A 61 -34.26 -16.22 15.95
C LEU A 61 -32.78 -16.17 16.28
N TYR A 62 -32.01 -17.03 15.64
CA TYR A 62 -30.57 -17.09 15.89
C TYR A 62 -29.77 -17.00 14.62
N LEU A 63 -28.53 -16.55 14.75
CA LEU A 63 -27.61 -16.48 13.63
C LEU A 63 -26.61 -17.56 14.00
N LEU A 64 -26.44 -18.51 13.09
CA LEU A 64 -25.56 -19.64 13.31
C LEU A 64 -24.42 -19.71 12.31
N LEU A 65 -23.19 -19.80 12.82
CA LEU A 65 -22.03 -19.93 11.97
C LEU A 65 -21.95 -21.43 11.70
N VAL A 66 -22.35 -21.85 10.50
CA VAL A 66 -22.35 -23.26 10.12
C VAL A 66 -21.01 -23.92 9.85
N SER A 67 -20.14 -23.24 9.10
CA SER A 67 -18.83 -23.80 8.75
C SER A 67 -17.75 -22.71 8.87
N CYS A 68 -16.52 -23.11 9.17
CA CYS A 68 -15.38 -22.18 9.28
C CYS A 68 -14.08 -22.93 9.57
N PRO A 69 -12.94 -22.42 9.08
CA PRO A 69 -11.63 -23.06 9.26
C PRO A 69 -11.01 -22.86 10.64
N LYS A 70 -11.62 -23.43 11.68
CA LYS A 70 -11.11 -23.32 13.06
C LYS A 70 -11.49 -21.99 13.71
N GLU A 72 -12.56 -19.13 14.94
CA GLU A 72 -12.99 -18.00 15.76
C GLU A 72 -13.35 -16.73 14.98
N VAL A 73 -14.56 -16.21 15.22
CA VAL A 73 -15.03 -15.03 14.51
C VAL A 73 -15.80 -14.04 15.39
N ARG A 74 -15.59 -12.75 15.15
CA ARG A 74 -16.29 -11.72 15.89
C ARG A 74 -17.30 -11.13 14.91
N ALA A 75 -18.56 -10.99 15.33
CA ALA A 75 -19.55 -10.44 14.44
C ALA A 75 -20.74 -9.82 15.15
N LYS A 76 -21.25 -8.74 14.57
CA LYS A 76 -22.44 -8.06 15.09
C LYS A 76 -23.53 -8.45 14.11
N PHE A 77 -24.77 -8.49 14.56
CA PHE A 77 -25.87 -8.83 13.67
C PHE A 77 -27.13 -8.02 14.01
N LYS A 78 -28.00 -7.86 13.00
CA LYS A 78 -29.24 -7.13 13.15
C LYS A 78 -30.36 -7.91 12.46
N PHE A 79 -31.39 -8.25 13.22
CA PHE A 79 -32.54 -8.98 12.66
C PHE A 79 -33.73 -8.05 12.55
N SER A 80 -34.55 -8.28 11.53
CA SER A 80 -35.73 -7.45 11.35
C SER A 80 -36.65 -8.09 10.34
N ILE A 81 -37.88 -7.61 10.29
CA ILE A 81 -38.81 -8.15 9.34
C ILE A 81 -39.08 -7.10 8.29
N LEU A 82 -39.16 -7.57 7.06
CA LEU A 82 -39.40 -6.71 5.91
C LEU A 82 -40.86 -6.69 5.55
N ASN A 83 -41.45 -5.51 5.40
CA ASN A 83 -42.84 -5.44 4.98
C ASN A 83 -42.95 -5.76 3.49
N ALA A 84 -44.07 -5.36 2.89
CA ALA A 84 -44.31 -5.61 1.47
C ALA A 84 -43.54 -4.64 0.60
N LYS A 85 -43.37 -3.41 1.10
CA LYS A 85 -42.65 -2.37 0.39
C LYS A 85 -41.13 -2.55 0.49
N GLY A 86 -40.70 -3.62 1.14
CA GLY A 86 -39.27 -3.90 1.28
C GLY A 86 -38.59 -3.14 2.40
N GLU A 87 -39.36 -2.33 3.11
CA GLU A 87 -38.86 -1.51 4.21
C GLU A 87 -38.50 -2.37 5.44
N GLU A 88 -38.07 -1.74 6.52
CA GLU A 88 -37.68 -2.50 7.69
C GLU A 88 -38.52 -2.21 8.92
N THR A 89 -38.98 -3.27 9.58
CA THR A 89 -39.77 -3.10 10.78
C THR A 89 -39.38 -4.12 11.84
N LYS A 90 -39.68 -3.78 13.09
CA LYS A 90 -39.44 -4.64 14.23
C LYS A 90 -38.02 -5.17 14.37
N ALA A 91 -37.05 -4.28 14.18
CA ALA A 91 -35.62 -4.62 14.24
C ALA A 91 -35.01 -4.68 15.63
N MET A 92 -34.23 -5.74 15.84
CA MET A 92 -33.54 -6.01 17.10
C MET A 92 -32.09 -6.28 16.70
N GLU A 93 -31.14 -5.65 17.41
CA GLU A 93 -29.74 -5.82 17.06
C GLU A 93 -28.81 -6.05 18.24
N SER A 94 -27.79 -6.87 18.03
CA SER A 94 -26.79 -7.18 19.06
C SER A 94 -26.00 -5.90 19.29
N GLN A 95 -25.93 -5.44 20.54
CA GLN A 95 -25.25 -4.19 20.81
C GLN A 95 -23.74 -4.25 20.78
N ARG A 96 -23.17 -5.33 20.24
CA ARG A 96 -21.72 -5.47 20.14
C ARG A 96 -21.40 -6.70 19.33
N ALA A 97 -20.12 -7.03 19.24
CA ALA A 97 -19.75 -8.21 18.47
C ALA A 97 -19.64 -9.39 19.42
N TYR A 98 -20.25 -10.50 19.01
CA TYR A 98 -20.23 -11.75 19.76
C TYR A 98 -19.32 -12.69 18.99
N ARG A 99 -18.67 -13.62 19.68
CA ARG A 99 -17.82 -14.53 18.94
C ARG A 99 -18.50 -15.83 18.64
N PHE A 100 -18.24 -16.29 17.42
CA PHE A 100 -18.79 -17.51 16.90
C PHE A 100 -17.65 -18.48 16.65
N VAL A 101 -18.00 -19.76 16.70
CA VAL A 101 -17.06 -20.83 16.43
C VAL A 101 -17.92 -21.89 15.80
N GLN A 102 -17.29 -22.69 14.95
CA GLN A 102 -17.96 -23.79 14.27
C GLN A 102 -19.12 -24.36 15.10
N GLY A 103 -20.36 -24.11 14.68
CA GLY A 103 -21.49 -24.64 15.40
C GLY A 103 -22.14 -23.74 16.42
N LYS A 104 -21.52 -22.60 16.72
CA LYS A 104 -22.06 -21.68 17.71
C LYS A 104 -23.09 -20.74 17.09
N ASP A 105 -24.05 -20.34 17.91
CA ASP A 105 -25.09 -19.42 17.49
C ASP A 105 -25.31 -18.35 18.56
N TRP A 106 -25.84 -17.21 18.13
CA TRP A 106 -26.15 -16.10 19.01
C TRP A 106 -27.41 -15.49 18.42
N GLY A 107 -28.27 -14.95 19.27
CA GLY A 107 -29.51 -14.37 18.77
C GLY A 107 -30.43 -13.84 19.83
N PHE A 108 -31.73 -13.92 19.57
CA PHE A 108 -32.75 -13.44 20.50
C PHE A 108 -33.78 -14.53 20.73
N LYS A 109 -33.84 -15.06 21.95
CA LYS A 109 -34.79 -16.11 22.30
C LYS A 109 -36.22 -15.58 22.11
N LYS A 110 -36.43 -14.32 22.49
CA LYS A 110 -37.75 -13.66 22.38
C LYS A 110 -37.73 -12.51 21.36
N PHE A 111 -37.60 -12.86 20.08
CA PHE A 111 -37.55 -11.88 18.99
C PHE A 111 -38.79 -11.01 18.74
N ILE A 112 -39.93 -11.65 18.54
CA ILE A 112 -41.20 -10.98 18.29
C ILE A 112 -42.35 -11.93 18.66
N ARG A 113 -43.41 -11.39 19.28
CA ARG A 113 -44.54 -12.21 19.71
C ARG A 113 -45.29 -12.94 18.59
N ARG A 114 -45.67 -14.18 18.87
CA ARG A 114 -46.41 -15.01 17.91
C ARG A 114 -47.69 -14.29 17.50
N GLY A 115 -48.24 -13.49 18.42
CA GLY A 115 -49.48 -12.76 18.18
C GLY A 115 -49.46 -11.33 17.65
N PHE A 116 -48.36 -10.61 17.81
CA PHE A 116 -48.27 -9.25 17.28
C PHE A 116 -48.06 -9.38 15.78
N LEU A 117 -47.30 -10.41 15.42
CA LEU A 117 -46.95 -10.73 14.04
C LEU A 117 -48.16 -11.14 13.21
N LEU A 118 -48.69 -12.34 13.47
CA LEU A 118 -49.85 -12.87 12.75
C LEU A 118 -51.00 -11.87 12.52
N ASP A 119 -51.14 -10.90 13.42
CA ASP A 119 -52.19 -9.91 13.28
C ASP A 119 -51.97 -9.18 11.94
N GLU A 120 -52.81 -9.48 10.96
CA GLU A 120 -52.74 -8.88 9.63
C GLU A 120 -52.84 -7.35 9.68
N ALA A 121 -53.26 -6.82 10.83
CA ALA A 121 -53.40 -5.37 11.03
C ALA A 121 -52.04 -4.70 11.01
N ASN A 122 -51.00 -5.51 10.82
CA ASN A 122 -49.60 -5.04 10.77
C ASN A 122 -48.92 -5.53 9.50
N GLY A 123 -49.54 -6.50 8.85
CA GLY A 123 -49.02 -7.06 7.62
C GLY A 123 -47.54 -7.38 7.58
N LEU A 124 -47.09 -8.25 8.47
CA LEU A 124 -45.68 -8.61 8.46
C LEU A 124 -45.54 -9.90 7.66
N LEU A 125 -46.67 -10.48 7.27
CA LEU A 125 -46.67 -11.72 6.48
C LEU A 125 -47.47 -11.61 5.18
N PRO A 126 -47.00 -10.81 4.20
CA PRO A 126 -47.70 -10.65 2.92
C PRO A 126 -47.95 -12.02 2.27
N ASP A 127 -49.17 -12.27 1.81
CA ASP A 127 -49.53 -13.55 1.20
C ASP A 127 -49.12 -14.69 2.14
N ASP A 128 -49.16 -14.40 3.44
CA ASP A 128 -48.79 -15.36 4.46
C ASP A 128 -47.36 -15.84 4.23
N LYS A 129 -46.47 -14.88 4.01
CA LYS A 129 -45.05 -15.14 3.82
C LYS A 129 -44.28 -14.27 4.79
N LEU A 130 -43.37 -14.91 5.53
CA LEU A 130 -42.55 -14.20 6.49
C LEU A 130 -41.24 -13.84 5.81
N THR A 131 -40.90 -12.55 5.87
CA THR A 131 -39.68 -12.08 5.26
C THR A 131 -38.71 -11.63 6.34
N LEU A 132 -37.77 -12.51 6.68
CA LEU A 132 -36.77 -12.21 7.69
C LEU A 132 -35.52 -11.67 7.03
N PHE A 133 -35.01 -10.57 7.54
CA PHE A 133 -33.82 -9.91 6.99
C PHE A 133 -32.71 -9.87 8.04
N CYS A 134 -31.54 -10.40 7.68
CA CYS A 134 -30.41 -10.42 8.60
C CYS A 134 -29.23 -9.64 8.05
N GLU A 135 -28.61 -8.82 8.89
CA GLU A 135 -27.44 -8.03 8.52
C GLU A 135 -26.27 -8.39 9.44
N VAL A 136 -25.16 -8.86 8.86
CA VAL A 136 -23.98 -9.26 9.66
C VAL A 136 -22.73 -8.41 9.36
N SER A 137 -22.05 -7.99 10.42
CA SER A 137 -20.81 -7.23 10.31
C SER A 137 -19.73 -8.02 11.05
N VAL A 138 -18.77 -8.55 10.30
CA VAL A 138 -17.67 -9.32 10.86
C VAL A 138 -16.44 -8.44 11.08
N VAL A 139 -16.23 -8.03 12.33
CA VAL A 139 -15.12 -7.17 12.67
C VAL A 139 -13.84 -7.93 12.97
N GLN A 140 -12.71 -7.35 12.55
CA GLN A 140 -11.39 -7.93 12.79
C GLN A 140 -10.27 -6.90 12.82
N ASP A 141 -9.49 -6.91 13.91
CA ASP A 141 -8.39 -5.96 14.06
C ASP A 141 -7.30 -6.26 13.04
N SER A 142 -6.51 -5.24 12.72
CA SER A 142 -5.41 -5.35 11.76
C SER A 142 -4.08 -5.01 12.43
N GLN A 148 3.15 7.18 13.92
CA GLN A 148 4.54 7.14 13.48
C GLN A 148 4.82 8.21 12.42
N THR A 150 7.91 11.81 13.45
CA THR A 150 8.59 13.09 13.45
C THR A 150 9.42 13.31 12.18
N MET A 151 9.40 14.54 11.67
CA MET A 151 10.13 14.90 10.45
C MET A 151 11.65 14.87 10.57
N ASN A 152 12.33 15.24 9.48
CA ASN A 152 13.78 15.21 9.47
C ASN A 152 14.49 16.53 9.23
N MET A 153 13.77 17.46 8.61
CA MET A 153 14.31 18.79 8.29
C MET A 153 15.09 18.81 7.00
N VAL A 154 15.41 17.63 6.48
CA VAL A 154 16.14 17.51 5.23
C VAL A 154 15.39 16.64 4.20
N LYS A 155 14.91 17.27 3.14
CA LYS A 155 14.17 16.56 2.08
C LYS A 155 15.08 15.66 1.23
N VAL A 156 14.98 14.34 1.43
CA VAL A 156 15.81 13.39 0.66
C VAL A 156 15.07 12.84 -0.56
N PRO A 157 15.53 13.15 -1.78
CA PRO A 157 14.84 12.64 -2.96
C PRO A 157 14.49 11.16 -2.84
N GLU A 158 13.47 10.75 -3.58
CA GLU A 158 12.99 9.36 -3.58
C GLU A 158 13.89 8.57 -4.55
N CYS A 159 14.19 7.31 -4.23
CA CYS A 159 15.09 6.52 -5.10
C CYS A 159 14.74 6.53 -6.60
N ARG A 160 15.76 6.71 -7.43
CA ARG A 160 15.57 6.78 -8.87
C ARG A 160 16.23 5.63 -9.62
N LEU A 161 16.71 4.64 -8.87
CA LEU A 161 17.37 3.48 -9.45
C LEU A 161 16.63 2.87 -10.64
N ALA A 162 15.38 2.45 -10.41
CA ALA A 162 14.59 1.84 -11.45
C ALA A 162 14.41 2.74 -12.66
N ASP A 163 14.12 4.00 -12.43
CA ASP A 163 13.91 4.96 -13.52
C ASP A 163 15.14 5.14 -14.41
N GLU A 164 16.31 5.17 -13.81
CA GLU A 164 17.51 5.37 -14.61
C GLU A 164 17.89 4.10 -15.37
N LEU A 165 17.71 2.94 -14.76
CA LEU A 165 18.03 1.71 -15.46
C LEU A 165 17.05 1.58 -16.61
N GLY A 166 15.83 2.07 -16.40
CA GLY A 166 14.83 2.01 -17.44
C GLY A 166 15.28 2.74 -18.69
N GLY A 167 16.07 3.80 -18.50
CA GLY A 167 16.56 4.59 -19.61
C GLY A 167 17.47 3.78 -20.52
N LEU A 168 18.17 2.82 -19.93
CA LEU A 168 19.07 1.97 -20.70
C LEU A 168 18.26 1.18 -21.68
N TRP A 169 17.10 0.72 -21.24
CA TRP A 169 16.24 -0.08 -22.11
C TRP A 169 15.58 0.78 -23.18
N GLU A 170 14.99 1.88 -22.75
CA GLU A 170 14.29 2.77 -23.66
C GLU A 170 15.09 3.37 -24.80
N ASN A 171 16.31 3.83 -24.51
CA ASN A 171 17.14 4.47 -25.53
C ASN A 171 18.27 3.59 -26.07
N SER A 172 18.36 2.36 -25.58
CA SER A 172 19.38 1.42 -26.03
C SER A 172 20.79 2.01 -25.92
N ARG A 173 21.16 2.39 -24.70
CA ARG A 173 22.47 2.98 -24.44
C ARG A 173 23.46 1.97 -23.87
N PHE A 174 24.67 1.96 -24.42
CA PHE A 174 25.71 1.06 -23.95
C PHE A 174 25.26 -0.41 -23.97
N THR A 175 24.49 -0.75 -25.01
CA THR A 175 23.98 -2.10 -25.16
C THR A 175 25.11 -3.05 -25.57
N ASP A 176 24.98 -4.32 -25.27
CA ASP A 176 26.03 -5.24 -25.62
C ASP A 176 25.59 -6.58 -26.20
N CYS A 177 24.30 -6.73 -26.43
CA CYS A 177 23.82 -7.96 -27.02
C CYS A 177 22.53 -7.70 -27.76
N CYS A 178 22.11 -8.68 -28.54
CA CYS A 178 20.91 -8.58 -29.36
C CYS A 178 19.97 -9.75 -29.15
N LEU A 179 18.71 -9.45 -28.89
CA LEU A 179 17.73 -10.50 -28.68
C LEU A 179 16.77 -10.47 -29.86
N CYS A 180 16.75 -11.53 -30.65
CA CYS A 180 15.85 -11.54 -31.79
C CYS A 180 14.54 -12.20 -31.40
N VAL A 181 13.50 -11.39 -31.28
CA VAL A 181 12.18 -11.87 -30.91
C VAL A 181 11.33 -12.01 -32.17
N ALA A 182 11.17 -13.24 -32.65
CA ALA A 182 10.39 -13.46 -33.84
C ALA A 182 10.72 -12.41 -34.93
N GLY A 183 11.94 -12.46 -35.46
CA GLY A 183 12.36 -11.55 -36.50
C GLY A 183 12.81 -10.14 -36.09
N GLN A 184 12.18 -9.60 -35.05
CA GLN A 184 12.48 -8.26 -34.54
C GLN A 184 13.72 -8.30 -33.64
N GLU A 185 14.61 -7.32 -33.80
CA GLU A 185 15.83 -7.24 -32.99
C GLU A 185 15.71 -6.18 -31.88
N PHE A 186 16.18 -6.55 -30.68
CA PHE A 186 16.17 -5.66 -29.53
C PHE A 186 17.55 -5.60 -28.87
N GLN A 187 18.05 -4.39 -28.63
CA GLN A 187 19.34 -4.19 -27.98
C GLN A 187 19.22 -4.37 -26.47
N ALA A 188 20.11 -5.16 -25.87
CA ALA A 188 20.04 -5.35 -24.42
C ALA A 188 21.43 -5.36 -23.74
N HIS A 189 21.44 -5.83 -22.49
CA HIS A 189 22.65 -5.89 -21.64
C HIS A 189 22.78 -7.22 -20.91
N LYS A 190 23.75 -8.06 -21.28
CA LYS A 190 23.92 -9.36 -20.62
C LYS A 190 23.95 -9.32 -19.10
N ALA A 191 24.67 -8.36 -18.54
CA ALA A 191 24.78 -8.25 -17.10
C ALA A 191 23.41 -8.17 -16.42
N ILE A 192 22.65 -7.14 -16.77
CA ILE A 192 21.33 -6.92 -16.20
C ILE A 192 20.38 -8.08 -16.42
N LEU A 193 20.44 -8.69 -17.60
CA LEU A 193 19.53 -9.80 -17.88
C LEU A 193 19.91 -11.05 -17.08
N ALA A 194 21.21 -11.23 -16.84
CA ALA A 194 21.68 -12.39 -16.08
C ALA A 194 21.45 -12.25 -14.58
N ALA A 195 21.61 -11.05 -14.03
CA ALA A 195 21.38 -10.86 -12.60
C ALA A 195 19.90 -10.90 -12.35
N ARG A 196 19.14 -10.60 -13.39
CA ARG A 196 17.70 -10.53 -13.34
C ARG A 196 16.93 -11.82 -13.66
N SER A 197 17.55 -12.72 -14.44
CA SER A 197 16.89 -13.98 -14.81
C SER A 197 17.81 -15.19 -14.81
N PRO A 198 17.43 -16.27 -14.09
CA PRO A 198 18.26 -17.47 -14.03
C PRO A 198 18.36 -18.09 -15.41
N VAL A 199 17.32 -17.87 -16.21
CA VAL A 199 17.25 -18.38 -17.58
C VAL A 199 18.23 -17.66 -18.51
N PHE A 200 18.27 -16.34 -18.44
CA PHE A 200 19.20 -15.58 -19.27
C PHE A 200 20.63 -15.73 -18.80
N SER A 201 20.82 -15.79 -17.48
CA SER A 201 22.15 -15.92 -16.93
C SER A 201 22.73 -17.24 -17.40
N ALA A 202 21.91 -18.29 -17.35
CA ALA A 202 22.34 -19.62 -17.78
C ALA A 202 22.72 -19.64 -19.27
N MET A 203 22.21 -18.70 -20.06
CA MET A 203 22.54 -18.68 -21.48
C MET A 203 23.87 -17.99 -21.76
N PHE A 204 24.04 -16.80 -21.21
CA PHE A 204 25.26 -16.02 -21.43
C PHE A 204 26.45 -16.69 -20.75
N GLU A 205 26.16 -17.73 -19.98
CA GLU A 205 27.16 -18.50 -19.27
C GLU A 205 27.90 -19.35 -20.29
N HIS A 206 27.14 -20.12 -21.08
CA HIS A 206 27.68 -21.00 -22.13
C HIS A 206 27.68 -20.32 -23.50
N LYS A 213 26.02 -15.97 -27.96
CA LYS A 213 27.19 -15.12 -28.21
C LYS A 213 26.76 -13.73 -28.69
N ASN A 214 26.07 -13.00 -27.82
CA ASN A 214 25.61 -11.66 -28.12
C ASN A 214 24.42 -11.64 -29.05
N ARG A 215 23.80 -12.80 -29.21
CA ARG A 215 22.61 -12.91 -30.04
C ARG A 215 21.77 -14.09 -29.58
N VAL A 216 20.63 -13.79 -28.96
CA VAL A 216 19.73 -14.84 -28.52
C VAL A 216 18.39 -14.62 -29.20
N GLU A 217 17.82 -15.67 -29.78
CA GLU A 217 16.53 -15.47 -30.42
C GLU A 217 15.39 -16.06 -29.60
N ILE A 218 14.42 -15.20 -29.26
CA ILE A 218 13.27 -15.63 -28.47
C ILE A 218 12.14 -16.12 -29.39
N ASN A 219 11.73 -17.38 -29.22
CA ASN A 219 10.69 -17.95 -30.06
C ASN A 219 9.43 -18.40 -29.32
N ASP A 220 9.19 -17.84 -28.14
CA ASP A 220 8.04 -18.25 -27.36
C ASP A 220 7.21 -17.11 -26.78
N VAL A 221 7.62 -15.87 -27.08
CA VAL A 221 6.91 -14.71 -26.58
C VAL A 221 6.73 -13.71 -27.73
N GLU A 222 5.56 -13.09 -27.78
CA GLU A 222 5.26 -12.11 -28.81
C GLU A 222 5.93 -10.80 -28.45
N PRO A 223 6.41 -10.06 -29.46
CA PRO A 223 7.08 -8.76 -29.34
C PRO A 223 6.48 -7.76 -28.34
N GLU A 224 5.19 -7.50 -28.43
CA GLU A 224 4.50 -6.57 -27.52
C GLU A 224 4.70 -7.05 -26.07
N VAL A 225 4.39 -8.31 -25.79
CA VAL A 225 4.56 -8.87 -24.43
C VAL A 225 6.02 -8.88 -24.00
N PHE A 226 6.91 -9.09 -24.97
CA PHE A 226 8.35 -9.11 -24.70
C PHE A 226 8.78 -7.75 -24.16
N LYS A 227 8.50 -6.70 -24.93
CA LYS A 227 8.85 -5.35 -24.53
C LYS A 227 8.40 -5.09 -23.11
N GLU A 228 7.35 -5.78 -22.68
CA GLU A 228 6.82 -5.60 -21.33
C GLU A 228 7.62 -6.35 -20.28
N MET A 229 8.13 -7.51 -20.66
CA MET A 229 8.91 -8.32 -19.75
C MET A 229 10.30 -7.73 -19.57
N MET A 230 10.79 -7.02 -20.59
CA MET A 230 12.10 -6.39 -20.50
C MET A 230 11.94 -5.14 -19.65
N CYS A 231 10.77 -4.52 -19.78
CA CYS A 231 10.47 -3.32 -19.03
C CYS A 231 10.54 -3.71 -17.54
N PHE A 232 10.06 -4.89 -17.22
CA PHE A 232 10.11 -5.38 -15.84
C PHE A 232 11.54 -5.73 -15.44
N ILE A 233 12.24 -6.49 -16.27
CA ILE A 233 13.60 -6.87 -15.96
C ILE A 233 14.43 -5.64 -15.58
N TYR A 234 14.29 -4.56 -16.33
CA TYR A 234 15.05 -3.36 -16.01
C TYR A 234 14.48 -2.49 -14.91
N THR A 235 13.19 -2.58 -14.60
CA THR A 235 12.65 -1.69 -13.56
C THR A 235 11.82 -2.27 -12.44
N GLY A 236 11.46 -3.55 -12.51
CA GLY A 236 10.65 -4.12 -11.46
C GLY A 236 9.21 -3.63 -11.51
N LYS A 237 8.82 -3.10 -12.66
CA LYS A 237 7.46 -2.62 -12.85
C LYS A 237 7.01 -3.08 -14.23
N ALA A 238 5.72 -3.34 -14.35
CA ALA A 238 5.14 -3.74 -15.61
C ALA A 238 3.86 -2.94 -15.68
N PRO A 239 3.93 -1.73 -16.25
CA PRO A 239 2.81 -0.79 -16.42
C PRO A 239 1.59 -1.34 -17.18
N ASN A 240 1.84 -2.09 -18.26
CA ASN A 240 0.74 -2.62 -19.05
C ASN A 240 0.31 -4.04 -18.71
N LEU A 241 0.75 -4.52 -17.56
CA LEU A 241 0.43 -5.86 -17.11
C LEU A 241 -1.05 -6.23 -17.30
N ASP A 242 -1.94 -5.36 -16.83
CA ASP A 242 -3.38 -5.59 -16.95
C ASP A 242 -3.82 -5.97 -18.35
N LYS A 243 -3.26 -5.31 -19.35
CA LYS A 243 -3.64 -5.58 -20.73
C LYS A 243 -3.11 -6.92 -21.27
N MET A 244 -2.31 -7.63 -20.49
CA MET A 244 -1.75 -8.88 -20.98
C MET A 244 -1.31 -9.81 -19.88
N ALA A 245 -2.04 -9.82 -18.77
CA ALA A 245 -1.63 -10.67 -17.65
C ALA A 245 -1.44 -12.15 -18.00
N ASP A 246 -2.25 -12.71 -18.88
CA ASP A 246 -2.10 -14.11 -19.21
C ASP A 246 -0.81 -14.42 -19.97
N ASP A 247 -0.48 -13.60 -20.95
CA ASP A 247 0.73 -13.82 -21.73
C ASP A 247 1.97 -13.46 -20.98
N LEU A 248 1.86 -12.46 -20.10
CA LEU A 248 3.02 -12.05 -19.36
C LEU A 248 3.31 -13.07 -18.29
N LEU A 249 2.31 -13.87 -17.93
CA LEU A 249 2.49 -14.91 -16.93
C LEU A 249 3.30 -16.02 -17.58
N ALA A 250 2.86 -16.41 -18.78
CA ALA A 250 3.48 -17.43 -19.58
C ALA A 250 4.93 -17.06 -19.77
N ALA A 251 5.15 -15.79 -20.06
CA ALA A 251 6.49 -15.29 -20.27
C ALA A 251 7.30 -15.27 -18.96
N ALA A 252 6.69 -14.76 -17.89
CA ALA A 252 7.38 -14.70 -16.60
C ALA A 252 7.79 -16.09 -16.12
N ASP A 253 6.96 -17.09 -16.40
CA ASP A 253 7.29 -18.44 -15.98
C ASP A 253 8.44 -19.06 -16.79
N LYS A 254 8.45 -18.85 -18.10
CA LYS A 254 9.50 -19.42 -18.94
C LYS A 254 10.89 -18.80 -18.65
N TYR A 255 10.91 -17.54 -18.25
CA TYR A 255 12.17 -16.85 -17.96
C TYR A 255 12.41 -16.64 -16.47
N ALA A 256 11.84 -17.52 -15.68
CA ALA A 256 11.99 -17.51 -14.24
C ALA A 256 11.93 -16.11 -13.63
N LEU A 257 10.84 -15.42 -13.82
CA LEU A 257 10.68 -14.10 -13.24
C LEU A 257 9.58 -14.21 -12.17
N GLU A 258 9.94 -14.86 -11.05
CA GLU A 258 9.04 -15.10 -9.93
C GLU A 258 8.12 -13.96 -9.52
N ARG A 259 8.67 -12.81 -9.18
CA ARG A 259 7.86 -11.68 -8.78
C ARG A 259 6.86 -11.26 -9.86
N LEU A 260 7.29 -11.28 -11.12
CA LEU A 260 6.39 -10.90 -12.20
C LEU A 260 5.33 -11.98 -12.40
N LYS A 261 5.66 -13.23 -12.07
CA LYS A 261 4.70 -14.34 -12.19
C LYS A 261 3.55 -14.03 -11.24
N VAL A 262 3.91 -13.79 -9.97
CA VAL A 262 2.95 -13.48 -8.93
C VAL A 262 2.20 -12.16 -9.18
N MET A 263 2.89 -11.17 -9.77
CA MET A 263 2.27 -9.88 -10.09
C MET A 263 1.18 -10.13 -11.13
N CYS A 264 1.33 -11.20 -11.91
CA CYS A 264 0.36 -11.57 -12.91
C CYS A 264 -0.65 -12.50 -12.26
N GLU A 265 -0.19 -13.38 -11.38
CA GLU A 265 -1.09 -14.29 -10.68
C GLU A 265 -2.11 -13.40 -9.96
N ASP A 266 -1.64 -12.26 -9.47
CA ASP A 266 -2.48 -11.28 -8.76
C ASP A 266 -3.43 -10.57 -9.70
N ALA A 267 -2.96 -10.13 -10.85
CA ALA A 267 -3.85 -9.45 -11.77
C ALA A 267 -4.98 -10.38 -12.24
N LEU A 268 -4.64 -11.60 -12.64
CA LEU A 268 -5.63 -12.56 -13.11
C LEU A 268 -6.66 -12.93 -12.05
N CYS A 269 -6.18 -13.10 -10.82
CA CYS A 269 -7.03 -13.44 -9.70
C CYS A 269 -8.12 -12.41 -9.44
N SER A 270 -7.78 -11.13 -9.55
CA SER A 270 -8.73 -10.04 -9.34
C SER A 270 -9.78 -9.90 -10.44
N ASN A 271 -9.61 -10.64 -11.53
CA ASN A 271 -10.57 -10.58 -12.63
C ASN A 271 -11.41 -11.85 -12.72
N LEU A 272 -11.23 -12.75 -11.76
CA LEU A 272 -11.98 -13.99 -11.78
C LEU A 272 -13.48 -13.68 -11.79
N SER A 273 -14.18 -14.24 -12.78
CA SER A 273 -15.62 -14.06 -12.94
C SER A 273 -16.28 -15.42 -13.28
N VAL A 274 -17.61 -15.40 -13.36
CA VAL A 274 -18.41 -16.59 -13.64
C VAL A 274 -17.96 -17.25 -14.95
N GLU A 275 -18.02 -16.47 -16.03
CA GLU A 275 -17.69 -16.95 -17.36
C GLU A 275 -16.20 -16.97 -17.72
N ASN A 276 -15.30 -17.16 -16.75
CA ASN A 276 -13.89 -17.18 -17.09
C ASN A 276 -13.03 -18.00 -16.12
N ALA A 277 -13.60 -18.40 -14.98
CA ALA A 277 -12.84 -19.17 -14.02
C ALA A 277 -12.31 -20.48 -14.57
N ALA A 278 -13.01 -21.06 -15.55
CA ALA A 278 -12.58 -22.32 -16.14
C ALA A 278 -11.25 -22.11 -16.88
N GLU A 279 -11.23 -21.04 -17.66
CA GLU A 279 -10.08 -20.62 -18.46
C GLU A 279 -8.84 -20.33 -17.62
N ILE A 280 -8.98 -19.41 -16.68
CA ILE A 280 -7.88 -18.99 -15.82
C ILE A 280 -7.33 -20.13 -14.97
N LEU A 281 -8.16 -21.13 -14.69
CA LEU A 281 -7.71 -22.26 -13.90
C LEU A 281 -6.71 -23.05 -14.75
N ILE A 282 -7.11 -23.35 -15.99
CA ILE A 282 -6.24 -24.07 -16.90
C ILE A 282 -4.89 -23.32 -17.00
N LEU A 283 -4.92 -22.00 -17.21
CA LEU A 283 -3.67 -21.24 -17.29
C LEU A 283 -2.79 -21.53 -16.08
N ALA A 284 -3.38 -21.53 -14.88
CA ALA A 284 -2.64 -21.77 -13.65
C ALA A 284 -2.04 -23.17 -13.54
N ASP A 285 -2.73 -24.18 -14.07
CA ASP A 285 -2.19 -25.53 -13.99
C ASP A 285 -0.98 -25.66 -14.90
N LEU A 286 -1.02 -24.98 -16.04
CA LEU A 286 0.07 -25.04 -17.02
C LEU A 286 1.30 -24.26 -16.60
N HIS A 287 1.11 -23.16 -15.90
CA HIS A 287 2.25 -22.35 -15.51
C HIS A 287 2.58 -22.41 -14.03
N SER A 288 2.13 -23.46 -13.37
CA SER A 288 2.37 -23.66 -11.96
C SER A 288 2.15 -22.37 -11.17
N ALA A 289 0.91 -21.89 -11.19
CA ALA A 289 0.54 -20.68 -10.47
C ALA A 289 -0.15 -21.13 -9.19
N ASP A 290 0.65 -21.46 -8.18
CA ASP A 290 0.13 -21.94 -6.90
C ASP A 290 -1.01 -21.08 -6.37
N GLN A 291 -0.66 -19.85 -6.01
CA GLN A 291 -1.64 -18.93 -5.48
C GLN A 291 -2.87 -18.75 -6.36
N LEU A 292 -2.68 -18.41 -7.64
CA LEU A 292 -3.81 -18.23 -8.55
C LEU A 292 -4.64 -19.50 -8.71
N LYS A 293 -3.97 -20.66 -8.76
CA LYS A 293 -4.70 -21.92 -8.89
C LYS A 293 -5.65 -22.09 -7.69
N THR A 294 -5.17 -21.78 -6.49
CA THR A 294 -6.02 -21.91 -5.30
C THR A 294 -7.23 -20.99 -5.44
N GLN A 295 -6.98 -19.70 -5.59
CA GLN A 295 -8.04 -18.71 -5.74
C GLN A 295 -9.08 -19.05 -6.82
N ALA A 296 -8.68 -19.74 -7.88
CA ALA A 296 -9.59 -20.10 -8.95
C ALA A 296 -10.44 -21.29 -8.56
N VAL A 297 -9.83 -22.25 -7.88
CA VAL A 297 -10.57 -23.42 -7.44
C VAL A 297 -11.64 -22.94 -6.48
N ASP A 298 -11.21 -22.34 -5.38
CA ASP A 298 -12.09 -21.81 -4.35
C ASP A 298 -13.23 -21.00 -4.94
N PHE A 299 -13.00 -20.37 -6.08
CA PHE A 299 -14.03 -19.57 -6.72
C PHE A 299 -15.07 -20.42 -7.45
N ILE A 300 -14.61 -21.48 -8.11
CA ILE A 300 -15.52 -22.37 -8.82
C ILE A 300 -16.49 -23.01 -7.84
N ASN A 301 -15.97 -23.49 -6.71
CA ASN A 301 -16.78 -24.12 -5.66
C ASN A 301 -17.80 -23.15 -5.08
N TYR A 302 -17.36 -21.92 -4.82
CA TYR A 302 -18.24 -20.93 -4.27
C TYR A 302 -19.38 -20.66 -5.25
N HIS A 303 -19.36 -21.30 -6.40
CA HIS A 303 -20.42 -21.08 -7.36
C HIS A 303 -20.93 -22.41 -7.91
N ALA A 304 -20.71 -23.48 -7.17
CA ALA A 304 -21.17 -24.80 -7.64
C ALA A 304 -22.68 -24.88 -7.89
N SER B 2 -20.08 -5.13 0.66
CA SER B 2 -19.50 -3.97 1.41
C SER B 2 -18.37 -4.28 2.42
N LYS B 3 -17.25 -3.56 2.34
CA LYS B 3 -16.11 -3.75 3.25
C LYS B 3 -15.59 -2.39 3.73
N VAL B 4 -15.23 -2.28 5.00
CA VAL B 4 -14.75 -1.01 5.53
C VAL B 4 -13.42 -1.12 6.26
N VAL B 5 -12.37 -0.53 5.66
CA VAL B 5 -11.03 -0.56 6.24
C VAL B 5 -10.63 0.76 6.90
N LYS B 6 -10.49 0.72 8.23
CA LYS B 6 -10.11 1.88 9.02
C LYS B 6 -8.65 1.82 9.43
N PHE B 7 -7.96 2.96 9.41
CA PHE B 7 -6.58 2.98 9.87
C PHE B 7 -6.15 4.38 10.25
N SER B 8 -5.45 4.48 11.37
CA SER B 8 -4.98 5.75 11.88
C SER B 8 -3.57 6.10 11.45
N TYR B 9 -3.17 7.31 11.80
CA TYR B 9 -1.83 7.82 11.54
C TYR B 9 -1.61 8.93 12.52
N MET B 10 -0.39 9.00 13.05
CA MET B 10 -0.05 10.03 14.02
C MET B 10 1.23 10.73 13.58
N TRP B 11 1.09 12.00 13.24
CA TRP B 11 2.22 12.80 12.77
C TRP B 11 2.70 13.74 13.85
N THR B 12 4.01 13.79 14.04
CA THR B 12 4.58 14.66 15.04
C THR B 12 5.50 15.67 14.37
N ILE B 13 5.27 16.94 14.67
CA ILE B 13 6.11 17.99 14.10
C ILE B 13 6.67 18.72 15.33
N ASN B 14 7.99 18.67 15.50
CA ASN B 14 8.62 19.31 16.64
C ASN B 14 8.90 20.77 16.39
N ASN B 15 8.84 21.56 17.46
CA ASN B 15 9.07 22.99 17.36
C ASN B 15 8.18 23.48 16.24
N PHE B 16 6.90 23.64 16.55
CA PHE B 16 5.97 24.08 15.53
C PHE B 16 6.20 25.54 15.17
N SER B 17 6.87 26.27 16.07
CA SER B 17 7.19 27.67 15.84
C SER B 17 8.47 27.79 15.01
N PHE B 18 9.29 26.73 15.06
CA PHE B 18 10.58 26.66 14.36
C PHE B 18 10.43 26.72 12.83
N CYS B 19 9.70 25.76 12.24
CA CYS B 19 9.50 25.70 10.79
C CYS B 19 9.33 27.05 10.12
N ARG B 20 10.09 27.24 9.04
CA ARG B 20 10.12 28.46 8.22
C ARG B 20 8.96 28.60 7.25
N GLU B 21 8.33 27.48 6.91
CA GLU B 21 7.20 27.47 5.98
C GLU B 21 6.37 28.75 6.04
N GLU B 22 6.37 29.49 4.93
CA GLU B 22 5.59 30.70 4.83
C GLU B 22 4.22 30.37 4.26
N MET B 23 3.27 31.26 4.46
CA MET B 23 1.92 31.07 3.95
C MET B 23 1.90 30.61 2.49
N GLY B 24 1.63 29.33 2.27
CA GLY B 24 1.60 28.81 0.92
C GLY B 24 2.53 27.64 0.73
N GLU B 25 3.41 27.43 1.71
CA GLU B 25 4.35 26.32 1.65
C GLU B 25 3.72 25.14 2.38
N VAL B 26 4.16 23.93 2.05
CA VAL B 26 3.59 22.74 2.67
C VAL B 26 4.63 21.77 3.24
N ILE B 27 4.27 21.09 4.33
CA ILE B 27 5.14 20.09 4.92
C ILE B 27 4.40 18.78 4.70
N LYS B 28 4.91 17.94 3.82
CA LYS B 28 4.29 16.66 3.51
C LYS B 28 4.85 15.61 4.46
N SER B 29 3.98 14.81 5.09
CA SER B 29 4.44 13.78 6.01
C SER B 29 4.91 12.55 5.22
N SER B 30 5.34 11.50 5.92
CA SER B 30 5.81 10.31 5.23
C SER B 30 4.59 9.44 4.90
N THR B 31 4.69 8.67 3.82
CA THR B 31 3.59 7.84 3.39
C THR B 31 3.18 6.83 4.46
N PHE B 32 2.07 6.15 4.23
CA PHE B 32 1.55 5.15 5.17
C PHE B 32 0.32 4.45 4.59
N SER B 33 0.20 3.15 4.85
CA SER B 33 -0.94 2.38 4.37
C SER B 33 -1.52 1.69 5.58
N SER B 34 -2.14 0.54 5.34
CA SER B 34 -2.69 -0.22 6.43
C SER B 34 -2.28 -1.69 6.33
N GLY B 35 -1.11 -1.93 5.70
CA GLY B 35 -0.59 -3.27 5.54
C GLY B 35 0.02 -3.58 4.19
N LYS B 39 -1.49 -1.79 -0.98
CA LYS B 39 -1.17 -1.24 -2.30
C LYS B 39 -1.31 0.28 -2.46
N LEU B 40 -1.92 0.95 -1.49
CA LEU B 40 -2.08 2.40 -1.54
C LEU B 40 -1.17 3.05 -0.51
N LYS B 41 -0.56 4.18 -0.86
CA LYS B 41 0.28 4.88 0.10
C LYS B 41 -0.36 6.26 0.24
N TRP B 42 -0.64 6.65 1.48
CA TRP B 42 -1.26 7.94 1.78
C TRP B 42 -0.22 8.81 2.46
N CYS B 43 -0.66 9.94 2.99
CA CYS B 43 0.21 10.86 3.70
C CYS B 43 -0.59 12.13 3.92
N LEU B 44 -0.19 12.92 4.90
CA LEU B 44 -0.89 14.15 5.19
C LEU B 44 -0.13 15.32 4.65
N ARG B 45 -0.78 16.46 4.64
CA ARG B 45 -0.21 17.69 4.13
C ARG B 45 -0.57 18.78 5.09
N VAL B 46 0.38 19.63 5.42
CA VAL B 46 0.07 20.73 6.31
C VAL B 46 0.74 22.00 5.83
N ASN B 47 -0.05 23.06 5.81
CA ASN B 47 0.42 24.37 5.41
C ASN B 47 0.36 25.14 6.71
N PRO B 48 1.49 25.25 7.41
CA PRO B 48 1.55 25.95 8.68
C PRO B 48 0.79 27.27 8.69
N LYS B 49 0.78 27.96 7.55
CA LYS B 49 0.11 29.27 7.47
C LYS B 49 -0.88 29.43 6.32
N GLY B 50 -1.73 28.43 6.13
CA GLY B 50 -2.75 28.50 5.09
C GLY B 50 -2.35 28.19 3.67
N LEU B 51 -3.37 27.81 2.90
CA LEU B 51 -3.23 27.44 1.50
C LEU B 51 -3.00 28.67 0.60
N ASP B 52 -3.64 29.78 0.96
CA ASP B 52 -3.53 31.02 0.21
C ASP B 52 -3.87 32.21 1.11
N GLU B 53 -4.15 33.37 0.52
CA GLU B 53 -4.47 34.58 1.29
C GLU B 53 -5.70 34.49 2.22
N GLU B 54 -6.73 33.78 1.78
CA GLU B 54 -7.92 33.64 2.59
C GLU B 54 -7.62 32.92 3.89
N SER B 55 -6.67 32.00 3.85
CA SER B 55 -6.32 31.19 5.00
C SER B 55 -4.95 31.44 5.64
N LYS B 56 -4.36 32.61 5.39
CA LYS B 56 -3.04 32.93 5.94
C LYS B 56 -2.92 32.74 7.44
N ASP B 57 -4.03 32.90 8.16
CA ASP B 57 -4.02 32.76 9.61
C ASP B 57 -4.57 31.43 10.15
N TYR B 58 -4.63 30.43 9.28
CA TYR B 58 -5.11 29.09 9.63
C TYR B 58 -4.11 28.05 9.16
N LEU B 59 -4.34 26.80 9.54
CA LEU B 59 -3.49 25.71 9.10
C LEU B 59 -4.35 24.89 8.18
N SER B 60 -3.79 24.51 7.04
CA SER B 60 -4.52 23.72 6.10
C SER B 60 -4.06 22.28 6.22
N LEU B 61 -5.01 21.38 6.44
CA LEU B 61 -4.71 19.97 6.60
C LEU B 61 -5.45 19.12 5.55
N TYR B 62 -4.69 18.37 4.75
CA TYR B 62 -5.27 17.54 3.72
C TYR B 62 -4.73 16.10 3.71
N LEU B 63 -5.61 15.12 3.50
CA LEU B 63 -5.20 13.73 3.40
C LEU B 63 -4.94 13.54 1.90
N LEU B 64 -3.76 13.05 1.55
CA LEU B 64 -3.40 12.88 0.15
C LEU B 64 -3.08 11.45 -0.25
N LEU B 65 -3.67 10.99 -1.34
CA LEU B 65 -3.39 9.64 -1.82
C LEU B 65 -2.20 9.71 -2.75
N VAL B 66 -1.04 9.28 -2.24
CA VAL B 66 0.22 9.30 -2.98
C VAL B 66 0.35 8.29 -4.14
N SER B 67 0.23 7.00 -3.87
CA SER B 67 0.36 5.98 -4.93
C SER B 67 -0.84 5.03 -4.97
N CYS B 68 -1.00 4.34 -6.10
CA CYS B 68 -2.09 3.38 -6.23
C CYS B 68 -2.19 2.75 -7.62
N PRO B 69 -2.80 1.55 -7.69
CA PRO B 69 -3.01 0.76 -8.92
C PRO B 69 -4.05 1.32 -9.89
N LYS B 70 -3.82 2.53 -10.39
CA LYS B 70 -4.76 3.16 -11.32
C LYS B 70 -6.20 2.88 -10.91
N GLU B 72 -9.19 4.16 -8.14
CA GLU B 72 -10.01 5.08 -7.36
C GLU B 72 -10.54 4.48 -6.05
N VAL B 73 -10.46 5.27 -4.99
CA VAL B 73 -10.86 4.84 -3.67
C VAL B 73 -11.75 5.83 -2.96
N ARG B 74 -12.84 5.35 -2.36
CA ARG B 74 -13.75 6.21 -1.61
C ARG B 74 -13.35 6.17 -0.14
N ALA B 75 -13.13 7.32 0.50
CA ALA B 75 -12.75 7.33 1.91
C ALA B 75 -13.30 8.47 2.75
N LYS B 76 -13.62 8.18 4.01
CA LYS B 76 -14.09 9.22 4.92
C LYS B 76 -12.86 9.49 5.77
N PHE B 77 -12.72 10.71 6.27
CA PHE B 77 -11.58 11.02 7.11
C PHE B 77 -11.94 12.02 8.20
N LYS B 78 -11.16 12.00 9.27
CA LYS B 78 -11.33 12.85 10.43
C LYS B 78 -9.94 13.28 10.87
N PHE B 79 -9.79 14.56 11.24
CA PHE B 79 -8.50 15.09 11.71
C PHE B 79 -8.72 15.66 13.11
N SER B 80 -7.68 15.60 13.94
CA SER B 80 -7.79 16.15 15.29
C SER B 80 -6.38 16.29 15.84
N ILE B 81 -6.24 17.07 16.91
CA ILE B 81 -4.94 17.28 17.51
C ILE B 81 -4.89 16.63 18.89
N LEU B 82 -3.88 15.81 19.13
CA LEU B 82 -3.77 15.14 20.42
C LEU B 82 -3.15 16.00 21.50
N ASN B 83 -3.91 16.30 22.55
CA ASN B 83 -3.39 17.10 23.66
C ASN B 83 -2.52 16.26 24.62
N LYS B 85 -2.36 14.23 27.34
CA LYS B 85 -2.75 12.90 27.77
C LYS B 85 -2.96 11.98 26.58
N GLY B 86 -3.26 12.56 25.43
CA GLY B 86 -3.44 11.76 24.24
C GLY B 86 -4.86 11.65 23.71
N GLU B 87 -5.75 12.51 24.18
CA GLU B 87 -7.14 12.49 23.73
C GLU B 87 -7.27 13.29 22.43
N GLU B 88 -8.51 13.51 21.99
CA GLU B 88 -8.71 14.27 20.77
C GLU B 88 -9.32 15.64 21.07
N THR B 89 -8.80 16.65 20.39
CA THR B 89 -9.30 18.00 20.53
C THR B 89 -9.28 18.61 19.14
N LYS B 90 -10.25 19.47 18.87
CA LYS B 90 -10.38 20.15 17.59
C LYS B 90 -10.43 19.19 16.40
N ALA B 91 -11.42 18.30 16.42
CA ALA B 91 -11.56 17.35 15.31
C ALA B 91 -12.48 17.89 14.25
N MET B 92 -12.14 17.58 13.01
CA MET B 92 -12.93 17.95 11.85
C MET B 92 -13.00 16.70 11.02
N GLU B 93 -14.15 16.42 10.44
CA GLU B 93 -14.27 15.23 9.65
C GLU B 93 -15.29 15.33 8.53
N SER B 94 -15.01 14.64 7.44
CA SER B 94 -15.91 14.68 6.29
C SER B 94 -17.32 14.20 6.64
N GLN B 95 -18.33 14.77 6.01
CA GLN B 95 -19.68 14.33 6.27
C GLN B 95 -19.84 12.97 5.59
N ARG B 96 -19.13 12.79 4.48
CA ARG B 96 -19.19 11.56 3.72
C ARG B 96 -17.82 11.12 3.24
N ALA B 97 -17.81 10.07 2.43
CA ALA B 97 -16.57 9.57 1.87
C ALA B 97 -16.32 10.32 0.55
N TYR B 98 -15.09 10.77 0.34
CA TYR B 98 -14.74 11.48 -0.87
C TYR B 98 -13.95 10.53 -1.79
N ARG B 99 -13.90 10.87 -3.07
CA ARG B 99 -13.22 10.05 -4.07
C ARG B 99 -11.77 10.49 -4.20
N PHE B 100 -10.84 9.54 -4.17
CA PHE B 100 -9.42 9.85 -4.29
C PHE B 100 -8.84 9.07 -5.45
N VAL B 101 -7.71 9.54 -5.94
CA VAL B 101 -7.01 8.87 -7.02
C VAL B 101 -5.56 9.28 -6.89
N GLN B 102 -4.69 8.55 -7.59
CA GLN B 102 -3.25 8.81 -7.57
C GLN B 102 -2.98 10.29 -7.67
N GLY B 103 -2.65 10.93 -6.55
CA GLY B 103 -2.34 12.35 -6.59
C GLY B 103 -3.44 13.29 -6.12
N LYS B 104 -4.57 12.73 -5.72
CA LYS B 104 -5.70 13.52 -5.24
C LYS B 104 -5.58 13.79 -3.75
N ASP B 105 -6.19 14.85 -3.27
CA ASP B 105 -6.15 15.19 -1.85
C ASP B 105 -7.47 15.83 -1.47
N TRP B 106 -7.87 15.71 -0.21
CA TRP B 106 -9.11 16.31 0.29
C TRP B 106 -8.77 16.68 1.71
N GLY B 107 -9.42 17.71 2.26
CA GLY B 107 -9.13 18.12 3.61
C GLY B 107 -9.79 19.42 3.97
N PHE B 108 -9.27 20.13 4.96
CA PHE B 108 -9.87 21.39 5.39
C PHE B 108 -8.91 22.56 5.21
N LYS B 109 -9.20 23.47 4.28
CA LYS B 109 -8.34 24.62 4.04
C LYS B 109 -8.18 25.48 5.29
N LYS B 110 -9.25 25.57 6.10
CA LYS B 110 -9.23 26.35 7.33
C LYS B 110 -9.50 25.45 8.53
N PHE B 111 -8.54 24.58 8.85
CA PHE B 111 -8.67 23.64 9.96
C PHE B 111 -8.68 24.28 11.34
N ILE B 112 -7.62 25.01 11.69
CA ILE B 112 -7.56 25.66 13.00
C ILE B 112 -6.73 26.96 12.92
N ARG B 113 -7.13 27.98 13.67
CA ARG B 113 -6.41 29.27 13.66
C ARG B 113 -5.07 29.15 14.37
N ARG B 114 -4.04 29.73 13.76
CA ARG B 114 -2.69 29.69 14.33
C ARG B 114 -2.67 30.34 15.70
N GLY B 115 -3.45 31.41 15.86
CA GLY B 115 -3.51 32.11 17.13
C GLY B 115 -3.90 31.16 18.25
N PHE B 116 -5.01 30.45 18.04
CA PHE B 116 -5.54 29.49 18.99
C PHE B 116 -4.53 28.37 19.30
N LEU B 117 -4.03 27.72 18.26
CA LEU B 117 -3.08 26.64 18.39
C LEU B 117 -1.76 27.02 19.11
N LEU B 118 -1.25 28.22 18.84
CA LEU B 118 -0.01 28.69 19.47
C LEU B 118 -0.18 29.18 20.91
N ASP B 119 -1.42 29.48 21.30
CA ASP B 119 -1.71 29.93 22.67
C ASP B 119 -1.47 28.73 23.57
N GLU B 120 -0.66 28.92 24.61
CA GLU B 120 -0.35 27.83 25.52
C GLU B 120 -1.51 27.34 26.41
N ALA B 121 -2.47 28.22 26.69
CA ALA B 121 -3.62 27.87 27.53
C ALA B 121 -4.52 26.80 26.92
N ASN B 122 -4.13 26.31 25.75
CA ASN B 122 -4.91 25.30 25.03
C ASN B 122 -4.17 23.97 25.00
N GLY B 123 -2.92 23.99 25.46
CA GLY B 123 -2.10 22.80 25.50
C GLY B 123 -2.10 21.96 24.23
N LEU B 124 -2.25 22.61 23.08
CA LEU B 124 -2.26 21.90 21.81
C LEU B 124 -0.84 21.75 21.29
N LEU B 125 0.10 22.41 21.95
CA LEU B 125 1.49 22.33 21.55
C LEU B 125 2.41 22.07 22.72
N PRO B 126 2.13 21.00 23.49
CA PRO B 126 2.98 20.69 24.65
C PRO B 126 4.43 20.48 24.20
N ASP B 127 5.33 21.31 24.72
CA ASP B 127 6.76 21.26 24.39
C ASP B 127 6.94 21.75 22.94
N ASP B 128 6.01 22.61 22.52
CA ASP B 128 5.97 23.16 21.16
C ASP B 128 6.01 22.01 20.15
N LYS B 129 5.25 20.96 20.44
CA LYS B 129 5.17 19.77 19.58
C LYS B 129 3.74 19.54 19.11
N LEU B 130 3.49 19.80 17.84
CA LEU B 130 2.18 19.58 17.27
C LEU B 130 2.13 18.13 16.79
N THR B 131 1.18 17.39 17.33
CA THR B 131 1.03 16.01 16.92
C THR B 131 -0.38 15.90 16.36
N LEU B 132 -0.43 15.68 15.05
CA LEU B 132 -1.69 15.55 14.34
C LEU B 132 -2.12 14.10 14.34
N PHE B 133 -3.42 13.91 14.21
CA PHE B 133 -4.01 12.57 14.19
C PHE B 133 -5.09 12.41 13.13
N CYS B 134 -4.82 11.53 12.18
CA CYS B 134 -5.75 11.27 11.10
C CYS B 134 -6.34 9.86 11.07
N GLU B 135 -7.67 9.78 11.03
CA GLU B 135 -8.37 8.51 10.96
C GLU B 135 -9.08 8.37 9.59
N VAL B 136 -8.68 7.37 8.81
CA VAL B 136 -9.27 7.13 7.48
C VAL B 136 -10.16 5.89 7.51
N SER B 137 -11.31 5.94 6.83
CA SER B 137 -12.23 4.81 6.71
C SER B 137 -12.49 4.58 5.22
N VAL B 138 -11.78 3.63 4.61
CA VAL B 138 -11.97 3.35 3.19
C VAL B 138 -13.17 2.44 3.02
N VAL B 139 -14.02 2.75 2.05
CA VAL B 139 -15.24 1.98 1.80
C VAL B 139 -15.25 1.36 0.41
N GLN B 140 -15.46 0.05 0.33
CA GLN B 140 -15.52 -0.63 -0.96
C GLN B 140 -16.77 -1.50 -1.02
N ASP B 141 -17.22 -1.81 -2.24
CA ASP B 141 -18.39 -2.65 -2.44
C ASP B 141 -17.87 -4.08 -2.33
N SER B 142 -18.71 -5.08 -2.59
CA SER B 142 -18.23 -6.46 -2.50
C SER B 142 -18.35 -7.17 -3.83
N MET B 153 -6.16 -11.45 -2.24
CA MET B 153 -5.00 -10.98 -2.96
C MET B 153 -3.84 -11.96 -2.81
N VAL B 154 -3.08 -12.12 -3.87
CA VAL B 154 -1.95 -13.02 -3.85
C VAL B 154 -0.84 -12.38 -3.01
N LYS B 155 0.11 -13.17 -2.55
CA LYS B 155 1.21 -12.61 -1.76
C LYS B 155 2.31 -12.19 -2.72
N VAL B 156 2.39 -10.91 -3.02
CA VAL B 156 3.43 -10.43 -3.93
C VAL B 156 4.77 -10.17 -3.23
N PRO B 157 5.85 -10.81 -3.72
CA PRO B 157 7.17 -10.61 -3.11
C PRO B 157 7.62 -9.16 -3.31
N GLU B 158 8.55 -8.71 -2.47
CA GLU B 158 9.07 -7.34 -2.54
C GLU B 158 10.06 -7.18 -3.68
N CYS B 159 10.06 -6.01 -4.33
CA CYS B 159 10.96 -5.75 -5.44
C CYS B 159 12.38 -6.12 -5.04
N ARG B 160 13.07 -6.87 -5.90
CA ARG B 160 14.43 -7.29 -5.61
C ARG B 160 15.40 -6.81 -6.68
N LEU B 161 15.00 -5.75 -7.38
CA LEU B 161 15.83 -5.15 -8.42
C LEU B 161 17.17 -4.73 -7.84
N ALA B 162 17.15 -3.81 -6.87
CA ALA B 162 18.36 -3.29 -6.25
C ALA B 162 19.32 -4.33 -5.69
N ASP B 163 18.77 -5.47 -5.28
CA ASP B 163 19.57 -6.54 -4.72
C ASP B 163 20.33 -7.29 -5.78
N GLU B 164 19.60 -7.76 -6.77
CA GLU B 164 20.18 -8.51 -7.87
C GLU B 164 21.23 -7.68 -8.62
N LEU B 165 21.06 -6.37 -8.64
CA LEU B 165 22.01 -5.48 -9.29
C LEU B 165 23.29 -5.34 -8.47
N GLY B 166 23.12 -5.33 -7.15
CA GLY B 166 24.27 -5.19 -6.28
C GLY B 166 25.12 -6.42 -6.43
N GLY B 167 24.49 -7.53 -6.81
CA GLY B 167 25.21 -8.78 -7.00
C GLY B 167 26.26 -8.60 -8.09
N LEU B 168 25.86 -7.97 -9.18
CA LEU B 168 26.77 -7.72 -10.28
C LEU B 168 28.02 -7.04 -9.72
N TRP B 169 27.84 -6.12 -8.79
CA TRP B 169 28.98 -5.41 -8.19
C TRP B 169 29.79 -6.26 -7.21
N GLU B 170 29.15 -6.80 -6.19
CA GLU B 170 29.84 -7.63 -5.20
C GLU B 170 30.63 -8.73 -5.90
N ASN B 171 29.94 -9.74 -6.42
CA ASN B 171 30.61 -10.78 -7.16
C ASN B 171 30.82 -10.05 -8.48
N SER B 172 32.05 -9.97 -8.98
CA SER B 172 32.25 -9.28 -10.24
C SER B 172 31.71 -10.17 -11.36
N ARG B 173 30.54 -9.82 -11.90
CA ARG B 173 29.88 -10.60 -12.96
C ARG B 173 29.65 -9.82 -14.25
N PHE B 174 30.02 -10.43 -15.38
CA PHE B 174 29.85 -9.78 -16.68
C PHE B 174 30.31 -8.34 -16.73
N THR B 175 31.43 -8.04 -16.07
CA THR B 175 31.95 -6.68 -16.06
C THR B 175 32.48 -6.33 -17.45
N ASP B 176 32.78 -5.06 -17.67
CA ASP B 176 33.27 -4.65 -18.97
C ASP B 176 34.24 -3.48 -18.95
N CYS B 177 34.59 -3.01 -17.77
CA CYS B 177 35.53 -1.91 -17.68
C CYS B 177 36.25 -1.98 -16.34
N CYS B 178 37.27 -1.17 -16.20
CA CYS B 178 38.02 -1.19 -14.98
C CYS B 178 38.21 0.19 -14.38
N LEU B 179 37.91 0.32 -13.09
CA LEU B 179 38.06 1.57 -12.39
C LEU B 179 39.26 1.47 -11.47
N CYS B 180 40.24 2.34 -11.68
CA CYS B 180 41.44 2.30 -10.87
C CYS B 180 41.40 3.39 -9.80
N VAL B 181 41.22 2.97 -8.56
CA VAL B 181 41.15 3.86 -7.43
C VAL B 181 42.45 3.83 -6.65
N ALA B 182 43.32 4.78 -6.95
CA ALA B 182 44.60 4.87 -6.27
C ALA B 182 45.29 3.50 -6.28
N GLY B 183 45.65 3.01 -7.47
CA GLY B 183 46.30 1.71 -7.59
C GLY B 183 45.31 0.57 -7.71
N GLN B 184 44.40 0.49 -6.74
CA GLN B 184 43.32 -0.52 -6.66
C GLN B 184 42.53 -0.72 -7.96
N GLU B 185 42.26 -1.98 -8.35
CA GLU B 185 41.49 -2.25 -9.57
C GLU B 185 40.12 -2.88 -9.31
N PHE B 186 39.05 -2.17 -9.69
CA PHE B 186 37.68 -2.67 -9.51
C PHE B 186 37.03 -2.91 -10.86
N GLN B 187 36.30 -4.02 -10.99
CA GLN B 187 35.60 -4.35 -12.22
C GLN B 187 34.17 -3.82 -12.04
N ALA B 188 33.63 -3.17 -13.07
CA ALA B 188 32.28 -2.62 -13.00
C ALA B 188 31.61 -2.61 -14.37
N HIS B 189 30.43 -2.03 -14.48
CA HIS B 189 29.74 -2.01 -15.76
C HIS B 189 29.51 -0.62 -16.35
N LYS B 190 30.10 -0.35 -17.51
CA LYS B 190 29.96 0.95 -18.17
C LYS B 190 28.52 1.46 -18.22
N ALA B 191 27.61 0.59 -18.61
CA ALA B 191 26.22 0.97 -18.72
C ALA B 191 25.61 1.47 -17.40
N ILE B 192 25.65 0.62 -16.38
CA ILE B 192 25.10 0.99 -15.10
C ILE B 192 25.72 2.26 -14.54
N LEU B 193 27.04 2.40 -14.62
CA LEU B 193 27.67 3.62 -14.12
C LEU B 193 27.15 4.80 -14.91
N ALA B 194 27.05 4.63 -16.22
CA ALA B 194 26.59 5.70 -17.08
C ALA B 194 25.17 6.15 -16.77
N ALA B 195 24.24 5.22 -16.68
CA ALA B 195 22.85 5.57 -16.41
C ALA B 195 22.63 6.20 -15.05
N ARG B 196 23.53 5.87 -14.14
CA ARG B 196 23.43 6.29 -12.77
C ARG B 196 24.24 7.53 -12.38
N SER B 197 25.05 8.05 -13.30
CA SER B 197 25.89 9.21 -13.02
C SER B 197 26.34 10.01 -14.24
N PRO B 198 25.97 11.30 -14.30
CA PRO B 198 26.29 12.23 -15.40
C PRO B 198 27.78 12.35 -15.68
N VAL B 199 28.59 12.38 -14.62
CA VAL B 199 30.04 12.49 -14.77
C VAL B 199 30.63 11.23 -15.40
N PHE B 200 30.12 10.06 -14.99
CA PHE B 200 30.60 8.79 -15.55
C PHE B 200 30.14 8.68 -16.99
N SER B 201 28.95 9.17 -17.25
CA SER B 201 28.38 9.13 -18.59
C SER B 201 29.27 9.90 -19.56
N ALA B 202 29.46 11.19 -19.28
CA ALA B 202 30.29 12.04 -20.12
C ALA B 202 31.59 11.35 -20.46
N MET B 203 32.09 10.52 -19.54
CA MET B 203 33.34 9.80 -19.77
C MET B 203 33.26 8.76 -20.86
N PHE B 204 32.39 7.78 -20.67
CA PHE B 204 32.23 6.69 -21.63
C PHE B 204 31.63 7.09 -22.98
N GLU B 205 31.31 8.38 -23.15
CA GLU B 205 30.72 8.82 -24.40
C GLU B 205 31.67 9.69 -25.25
N HIS B 206 32.71 10.23 -24.60
CA HIS B 206 33.68 11.05 -25.29
C HIS B 206 35.05 10.38 -25.29
N LYS B 213 39.54 3.64 -23.05
CA LYS B 213 38.15 4.01 -22.82
C LYS B 213 37.46 2.99 -21.92
N ASN B 214 38.25 2.11 -21.32
CA ASN B 214 37.70 1.11 -20.43
C ASN B 214 38.42 1.13 -19.10
N ARG B 215 39.46 1.95 -18.99
CA ARG B 215 40.20 2.09 -17.76
C ARG B 215 40.03 3.53 -17.35
N VAL B 216 39.41 3.72 -16.20
CA VAL B 216 39.14 5.04 -15.68
C VAL B 216 39.99 5.32 -14.45
N GLU B 217 40.67 6.45 -14.45
CA GLU B 217 41.52 6.82 -13.34
C GLU B 217 40.74 7.70 -12.36
N ILE B 218 40.63 7.22 -11.13
CA ILE B 218 39.93 7.89 -10.04
C ILE B 218 40.95 8.11 -8.92
N ASN B 219 41.26 9.36 -8.61
CA ASN B 219 42.25 9.67 -7.56
C ASN B 219 41.78 10.70 -6.52
N ASP B 220 40.47 10.87 -6.44
CA ASP B 220 39.87 11.84 -5.54
C ASP B 220 39.00 11.19 -4.48
N VAL B 221 38.97 9.87 -4.45
CA VAL B 221 38.17 9.15 -3.47
C VAL B 221 38.88 7.97 -2.85
N GLU B 222 38.88 7.89 -1.53
CA GLU B 222 39.52 6.77 -0.87
C GLU B 222 38.78 5.47 -1.17
N PRO B 223 39.51 4.37 -1.42
CA PRO B 223 38.88 3.09 -1.71
C PRO B 223 37.68 2.67 -0.83
N GLU B 224 37.76 2.85 0.49
CA GLU B 224 36.64 2.49 1.36
C GLU B 224 35.38 3.28 1.00
N VAL B 225 35.58 4.57 0.73
CA VAL B 225 34.48 5.46 0.37
C VAL B 225 34.01 5.15 -1.06
N PHE B 226 34.96 4.81 -1.92
CA PHE B 226 34.64 4.46 -3.30
C PHE B 226 33.75 3.21 -3.30
N LYS B 227 34.10 2.18 -2.51
CA LYS B 227 33.31 0.94 -2.44
C LYS B 227 31.87 1.24 -2.06
N GLU B 228 31.73 2.12 -1.08
CA GLU B 228 30.43 2.53 -0.59
C GLU B 228 29.66 3.28 -1.68
N MET B 229 30.33 4.22 -2.33
CA MET B 229 29.73 5.01 -3.40
C MET B 229 29.22 4.17 -4.56
N MET B 230 29.96 3.11 -4.91
CA MET B 230 29.56 2.23 -6.00
C MET B 230 28.36 1.46 -5.52
N CYS B 231 28.45 0.98 -4.29
CA CYS B 231 27.36 0.25 -3.71
C CYS B 231 26.07 1.04 -3.94
N PHE B 232 26.14 2.36 -3.76
CA PHE B 232 24.97 3.22 -3.97
C PHE B 232 24.53 3.20 -5.43
N ILE B 233 25.49 3.32 -6.33
CA ILE B 233 25.25 3.31 -7.75
C ILE B 233 24.54 2.03 -8.22
N TYR B 234 24.83 0.91 -7.59
CA TYR B 234 24.19 -0.33 -8.00
C TYR B 234 22.93 -0.72 -7.26
N THR B 235 22.74 -0.27 -6.02
CA THR B 235 21.56 -0.66 -5.25
C THR B 235 20.70 0.48 -4.71
N GLY B 236 21.17 1.72 -4.88
CA GLY B 236 20.43 2.86 -4.39
C GLY B 236 20.56 3.02 -2.89
N LYS B 237 21.23 2.07 -2.24
CA LYS B 237 21.42 2.11 -0.79
C LYS B 237 22.88 2.45 -0.50
N ALA B 238 23.21 2.64 0.77
CA ALA B 238 24.57 2.97 1.21
C ALA B 238 24.59 2.74 2.71
N PRO B 239 24.64 1.45 3.13
CA PRO B 239 24.66 0.96 4.51
C PRO B 239 25.75 1.45 5.50
N ASN B 240 26.88 1.94 5.01
CA ASN B 240 27.93 2.43 5.91
C ASN B 240 27.97 3.97 5.85
N LEU B 241 26.98 4.56 5.19
CA LEU B 241 26.90 6.01 5.04
C LEU B 241 27.13 6.82 6.30
N ASP B 242 26.50 6.43 7.39
CA ASP B 242 26.64 7.17 8.63
C ASP B 242 28.06 7.22 9.20
N LYS B 243 28.99 6.46 8.66
CA LYS B 243 30.35 6.51 9.22
C LYS B 243 31.43 7.13 8.35
N MET B 244 31.03 7.77 7.27
CA MET B 244 31.93 8.42 6.33
C MET B 244 31.11 9.43 5.55
N ALA B 245 30.11 10.00 6.22
CA ALA B 245 29.22 10.95 5.59
C ALA B 245 29.96 12.13 4.96
N ASP B 246 31.01 12.62 5.62
CA ASP B 246 31.75 13.75 5.08
C ASP B 246 32.51 13.41 3.79
N ASP B 247 33.08 12.22 3.72
CA ASP B 247 33.82 11.83 2.54
C ASP B 247 32.87 11.39 1.42
N LEU B 248 31.75 10.78 1.83
CA LEU B 248 30.77 10.34 0.87
C LEU B 248 29.99 11.54 0.33
N LEU B 249 29.99 12.64 1.08
CA LEU B 249 29.30 13.84 0.61
C LEU B 249 30.13 14.45 -0.50
N ALA B 250 31.46 14.45 -0.33
CA ALA B 250 32.36 15.01 -1.34
C ALA B 250 32.43 14.11 -2.57
N ALA B 251 32.31 12.80 -2.38
CA ALA B 251 32.36 11.86 -3.51
C ALA B 251 31.09 12.01 -4.31
N ALA B 252 29.96 12.03 -3.59
CA ALA B 252 28.65 12.16 -4.20
C ALA B 252 28.62 13.45 -5.00
N ASP B 253 29.27 14.48 -4.47
CA ASP B 253 29.32 15.77 -5.14
C ASP B 253 30.17 15.70 -6.41
N LYS B 254 31.36 15.11 -6.32
CA LYS B 254 32.21 15.03 -7.50
C LYS B 254 31.69 14.15 -8.63
N TYR B 255 30.74 13.27 -8.34
CA TYR B 255 30.17 12.38 -9.36
C TYR B 255 28.66 12.58 -9.55
N ALA B 256 28.22 13.82 -9.35
CA ALA B 256 26.82 14.20 -9.52
C ALA B 256 25.75 13.25 -8.97
N LEU B 257 26.02 12.56 -7.89
CA LEU B 257 25.02 11.64 -7.32
C LEU B 257 24.10 12.36 -6.33
N GLU B 258 23.24 13.24 -6.85
CA GLU B 258 22.33 14.05 -6.03
C GLU B 258 21.62 13.41 -4.85
N ARG B 259 21.04 12.23 -5.02
CA ARG B 259 20.36 11.62 -3.88
C ARG B 259 21.37 11.17 -2.80
N LEU B 260 22.52 10.66 -3.22
CA LEU B 260 23.52 10.22 -2.26
C LEU B 260 23.95 11.45 -1.50
N LYS B 261 24.18 12.52 -2.24
CA LYS B 261 24.58 13.78 -1.66
C LYS B 261 23.58 14.23 -0.60
N VAL B 262 22.29 14.20 -0.91
CA VAL B 262 21.31 14.62 0.07
C VAL B 262 21.23 13.69 1.27
N MET B 263 21.51 12.39 1.07
CA MET B 263 21.49 11.41 2.16
C MET B 263 22.68 11.63 3.08
N CYS B 264 23.75 12.24 2.58
CA CYS B 264 24.89 12.50 3.43
C CYS B 264 24.53 13.76 4.17
N GLU B 265 23.89 14.68 3.45
CA GLU B 265 23.48 15.95 4.04
C GLU B 265 22.65 15.82 5.31
N ASP B 266 21.69 14.91 5.38
CA ASP B 266 20.95 14.81 6.64
C ASP B 266 21.67 13.96 7.68
N ALA B 267 22.52 13.03 7.24
CA ALA B 267 23.27 12.23 8.21
C ALA B 267 24.11 13.21 9.02
N LEU B 268 24.66 14.22 8.35
CA LEU B 268 25.47 15.23 9.01
C LEU B 268 24.61 16.24 9.77
N CYS B 269 23.39 16.47 9.27
CA CYS B 269 22.51 17.43 9.92
C CYS B 269 22.02 16.93 11.26
N SER B 270 21.76 15.63 11.36
CA SER B 270 21.29 15.08 12.62
C SER B 270 22.38 15.00 13.69
N ASN B 271 23.64 15.06 13.30
CA ASN B 271 24.75 15.01 14.25
C ASN B 271 25.11 16.40 14.72
N LEU B 272 24.74 17.38 13.90
CA LEU B 272 24.99 18.80 14.14
C LEU B 272 24.94 19.18 15.62
N SER B 273 26.01 19.80 16.10
CA SER B 273 26.08 20.22 17.49
C SER B 273 27.04 21.38 17.66
N VAL B 274 27.00 22.03 18.82
CA VAL B 274 27.89 23.15 19.11
C VAL B 274 29.35 22.76 18.99
N GLU B 275 29.59 21.47 18.78
CA GLU B 275 30.96 20.94 18.65
C GLU B 275 31.49 20.98 17.21
N ASN B 276 30.69 20.46 16.28
CA ASN B 276 31.07 20.36 14.90
C ASN B 276 30.24 21.19 13.94
N ALA B 277 29.52 22.18 14.46
CA ALA B 277 28.66 23.02 13.64
C ALA B 277 29.41 23.95 12.69
N ALA B 278 30.51 24.52 13.15
CA ALA B 278 31.31 25.43 12.33
C ALA B 278 32.06 24.64 11.28
N GLU B 279 32.46 23.43 11.67
CA GLU B 279 33.18 22.54 10.78
C GLU B 279 32.27 21.93 9.72
N ILE B 280 31.01 21.69 10.07
CA ILE B 280 30.07 21.12 9.11
C ILE B 280 29.66 22.21 8.13
N LEU B 281 29.58 23.44 8.60
CA LEU B 281 29.23 24.55 7.74
C LEU B 281 30.24 24.65 6.60
N ILE B 282 31.53 24.74 6.95
CA ILE B 282 32.58 24.82 5.94
C ILE B 282 32.40 23.69 4.94
N LEU B 283 32.36 22.48 5.45
CA LEU B 283 32.20 21.30 4.63
C LEU B 283 31.01 21.49 3.69
N ALA B 284 29.95 22.13 4.18
CA ALA B 284 28.76 22.36 3.36
C ALA B 284 28.98 23.43 2.29
N ASP B 285 29.74 24.47 2.60
CA ASP B 285 29.98 25.53 1.64
C ASP B 285 30.84 25.14 0.45
N LEU B 286 31.70 24.14 0.62
CA LEU B 286 32.58 23.67 -0.44
C LEU B 286 31.89 22.71 -1.40
N HIS B 287 31.18 21.73 -0.86
CA HIS B 287 30.51 20.78 -1.72
C HIS B 287 29.09 21.26 -2.01
N SER B 288 28.88 22.55 -1.76
CA SER B 288 27.61 23.22 -2.01
C SER B 288 26.39 22.43 -1.57
N ALA B 289 26.35 22.03 -0.31
CA ALA B 289 25.20 21.28 0.20
C ALA B 289 24.14 22.28 0.65
N ASP B 290 23.22 22.61 -0.25
CA ASP B 290 22.15 23.56 0.02
C ASP B 290 21.40 23.30 1.34
N GLN B 291 20.66 22.21 1.42
CA GLN B 291 19.91 21.90 2.63
C GLN B 291 20.76 21.97 3.90
N LEU B 292 21.93 21.34 3.87
CA LEU B 292 22.84 21.31 5.02
C LEU B 292 23.36 22.70 5.42
N LYS B 293 23.63 23.56 4.44
CA LYS B 293 24.12 24.91 4.74
C LYS B 293 23.08 25.69 5.53
N THR B 294 21.82 25.58 5.09
CA THR B 294 20.73 26.24 5.78
C THR B 294 20.69 25.77 7.24
N GLN B 295 20.44 24.48 7.45
CA GLN B 295 20.37 23.92 8.80
C GLN B 295 21.54 24.31 9.71
N ALA B 296 22.75 24.41 9.16
CA ALA B 296 23.92 24.76 9.97
C ALA B 296 23.92 26.23 10.33
N VAL B 297 23.58 27.07 9.36
CA VAL B 297 23.52 28.49 9.61
C VAL B 297 22.43 28.71 10.68
N ASP B 298 21.28 28.09 10.49
CA ASP B 298 20.16 28.19 11.43
C ASP B 298 20.51 27.61 12.79
N PHE B 299 21.42 26.64 12.83
CA PHE B 299 21.83 26.00 14.08
C PHE B 299 22.79 26.90 14.83
N ILE B 300 23.84 27.34 14.15
CA ILE B 300 24.83 28.19 14.78
C ILE B 300 24.21 29.48 15.33
N ASN B 301 23.21 30.02 14.62
CA ASN B 301 22.56 31.24 15.07
C ASN B 301 21.69 31.02 16.32
N TYR B 302 20.87 29.97 16.32
CA TYR B 302 20.03 29.67 17.47
C TYR B 302 20.85 29.18 18.65
N HIS B 303 22.16 29.34 18.55
CA HIS B 303 23.08 28.90 19.61
C HIS B 303 24.17 29.95 19.83
N ALA B 304 24.01 31.11 19.19
CA ALA B 304 24.94 32.21 19.37
C ALA B 304 24.63 32.91 20.69
N GLU C 2 -31.97 -8.54 24.74
CA GLU C 2 -30.95 -9.46 25.31
C GLU C 2 -30.56 -10.53 24.30
N VAL C 3 -29.25 -10.74 24.16
CA VAL C 3 -28.67 -11.70 23.24
C VAL C 3 -28.24 -12.96 23.99
N THR C 4 -28.53 -14.13 23.43
CA THR C 4 -28.12 -15.40 24.06
C THR C 4 -27.83 -16.44 23.01
N SER C 5 -27.41 -17.62 23.45
CA SER C 5 -27.09 -18.72 22.57
C SER C 5 -27.96 -19.91 22.96
N THR C 6 -28.23 -20.83 22.03
CA THR C 6 -29.04 -21.99 22.37
C THR C 6 -28.17 -22.96 23.13
N THR C 7 -26.86 -22.80 22.96
CA THR C 7 -25.90 -23.66 23.64
C THR C 7 -25.33 -22.87 24.83
N GLU D 2 -15.77 22.42 6.15
CA GLU D 2 -16.22 22.04 4.78
C GLU D 2 -15.03 21.48 4.02
N VAL D 3 -15.22 20.31 3.44
CA VAL D 3 -14.19 19.64 2.69
C VAL D 3 -13.89 20.33 1.36
N THR D 4 -12.61 20.41 1.02
CA THR D 4 -12.14 20.99 -0.24
C THR D 4 -10.86 20.30 -0.69
N SER D 5 -10.38 20.61 -1.90
CA SER D 5 -9.17 19.98 -2.41
C SER D 5 -8.30 21.02 -3.08
N THR D 6 -7.21 20.61 -3.69
CA THR D 6 -6.37 21.54 -4.42
C THR D 6 -6.10 20.91 -5.75
N THR D 7 -6.45 19.63 -5.84
CA THR D 7 -6.32 18.84 -7.06
C THR D 7 -7.65 18.97 -7.80
#